data_2XUA
#
_entry.id   2XUA
#
_cell.length_a   66.720
_cell.length_b   101.160
_cell.length_c   72.520
_cell.angle_alpha   90.00
_cell.angle_beta   90.00
_cell.angle_gamma   90.00
#
_symmetry.space_group_name_H-M   'P 21 21 2'
#
loop_
_entity.id
_entity.type
_entity.pdbx_description
1 polymer '3-OXOADIPATE ENOL-LACTONASE'
2 non-polymer 'LAEVULINIC ACID'
3 water water
#
_entity_poly.entity_id   1
_entity_poly.type   'polypeptide(L)'
_entity_poly.pdbx_seq_one_letter_code
;GSH(MSE)PYAAVNGTELHYRIDGERHGNAPWIVLSNSLGTDLS(MSE)WAPQVAALSKHFRVLRYDTRGHGHSEAPKGP
YTIEQLTGDVLGL(MSE)DTLKIARANFCGLS(MSE)GGLTGVALAARHADRIERVALCNTAARIGSPEVWVPRAVKART
EG(MSE)HALADAVLPRWFTADY(MSE)EREPVVLA(MSE)IRDVFVHTDKEGYASNCEAIDAADLRPEAPGIKVPALVI
SGTHDLAATPAQGRELAQAIAGARYVELDASHISNIERADAFTKTVVDFLTEQK
;
_entity_poly.pdbx_strand_id   A,H
#
loop_
_chem_comp.id
_chem_comp.type
_chem_comp.name
_chem_comp.formula
SHF non-polymer 'LAEVULINIC ACID' 'C5 H8 O3'
#
# COMPACT_ATOMS: atom_id res chain seq x y z
N PRO A 5 0.59 13.94 -3.56
CA PRO A 5 1.60 14.95 -3.15
C PRO A 5 3.05 14.54 -3.50
N TYR A 6 3.74 15.47 -4.16
CA TYR A 6 5.10 15.26 -4.77
C TYR A 6 5.79 16.57 -4.58
N ALA A 7 7.10 16.50 -4.34
CA ALA A 7 7.94 17.71 -4.11
C ALA A 7 9.12 17.55 -5.05
N ALA A 8 9.43 18.59 -5.85
CA ALA A 8 10.65 18.56 -6.68
C ALA A 8 11.82 18.88 -5.72
N VAL A 9 12.73 17.93 -5.51
CA VAL A 9 13.76 18.22 -4.50
C VAL A 9 15.14 18.41 -5.09
N ASN A 10 15.78 17.41 -5.64
CA ASN A 10 17.04 17.87 -6.22
C ASN A 10 17.08 17.81 -7.74
N GLY A 11 16.01 18.32 -8.36
CA GLY A 11 15.70 17.94 -9.75
C GLY A 11 15.18 16.51 -9.75
N THR A 12 14.87 15.98 -8.56
CA THR A 12 14.19 14.70 -8.47
C THR A 12 12.81 14.79 -7.78
N GLU A 13 11.85 14.00 -8.24
CA GLU A 13 10.52 14.12 -7.70
C GLU A 13 10.24 13.03 -6.66
N LEU A 14 9.87 13.46 -5.44
CA LEU A 14 9.57 12.54 -4.35
C LEU A 14 8.15 12.60 -3.89
N HIS A 15 7.53 11.41 -3.81
CA HIS A 15 6.20 11.27 -3.26
C HIS A 15 6.31 11.28 -1.74
N TYR A 16 5.38 11.99 -1.12
CA TYR A 16 5.42 12.12 0.33
C TYR A 16 4.02 12.17 0.85
N ARG A 17 3.91 12.09 2.16
CA ARG A 17 2.60 11.96 2.79
C ARG A 17 2.71 12.52 4.19
N ILE A 18 1.79 13.43 4.53
CA ILE A 18 1.83 14.06 5.84
C ILE A 18 0.62 13.59 6.71
N ASP A 19 0.85 13.28 7.99
CA ASP A 19 -0.22 13.00 8.94
C ASP A 19 -0.03 13.85 10.17
N GLY A 20 -1.06 13.96 10.99
CA GLY A 20 -0.97 14.73 12.20
C GLY A 20 -1.54 16.12 12.01
N GLU A 21 -1.50 16.87 13.09
CA GLU A 21 -2.16 18.16 13.16
C GLU A 21 -1.52 19.22 12.33
N ARG A 22 -1.96 19.33 11.09
CA ARG A 22 -1.29 20.23 10.19
C ARG A 22 -1.37 21.73 10.61
N HIS A 23 -2.52 22.17 11.07
CA HIS A 23 -2.68 23.53 11.56
C HIS A 23 -1.96 23.68 12.89
N GLY A 24 -2.00 22.61 13.65
CA GLY A 24 -1.25 22.42 14.88
C GLY A 24 0.26 22.68 14.91
N ASN A 25 0.80 22.45 16.08
CA ASN A 25 2.06 23.03 16.45
C ASN A 25 3.12 21.98 16.84
N ALA A 26 2.81 20.71 16.63
CA ALA A 26 3.61 19.62 17.19
C ALA A 26 4.92 19.49 16.44
N PRO A 27 5.99 19.06 17.13
CA PRO A 27 7.27 18.71 16.51
C PRO A 27 7.06 17.75 15.34
N TRP A 28 7.94 17.81 14.35
CA TRP A 28 7.89 16.90 13.24
C TRP A 28 8.64 15.60 13.56
N ILE A 29 8.18 14.53 12.92
CA ILE A 29 8.98 13.31 12.81
C ILE A 29 9.07 12.96 11.34
N VAL A 30 10.27 12.76 10.85
CA VAL A 30 10.43 12.25 9.46
C VAL A 30 10.73 10.77 9.55
N LEU A 31 10.05 9.95 8.71
CA LEU A 31 10.28 8.51 8.64
C LEU A 31 10.95 8.16 7.34
N SER A 32 11.92 7.25 7.40
CA SER A 32 12.70 6.90 6.23
C SER A 32 12.71 5.40 6.01
N ASN A 33 12.33 4.97 4.81
CA ASN A 33 11.96 3.56 4.54
C ASN A 33 13.15 2.65 4.29
N SER A 34 12.89 1.34 4.27
CA SER A 34 13.90 0.28 3.96
C SER A 34 13.99 0.10 2.44
N LEU A 35 15.10 -0.46 1.97
CA LEU A 35 15.21 -0.82 0.57
C LEU A 35 14.04 -1.74 0.14
N GLY A 36 13.41 -1.43 -0.99
CA GLY A 36 12.38 -2.32 -1.53
C GLY A 36 11.01 -2.14 -0.88
N THR A 37 10.81 -1.06 -0.14
CA THR A 37 9.51 -0.70 0.49
C THR A 37 9.04 0.66 0.00
N ASP A 38 7.86 1.06 0.45
CA ASP A 38 7.39 2.37 0.23
C ASP A 38 6.79 2.82 1.53
N LEU A 39 6.21 4.00 1.53
CA LEU A 39 5.84 4.67 2.77
C LEU A 39 4.71 3.99 3.50
N SER A 40 4.13 3.00 2.85
CA SER A 40 3.07 2.18 3.48
C SER A 40 3.66 1.32 4.58
N MSE A 41 4.97 1.11 4.50
CA MSE A 41 5.60 0.22 5.52
C MSE A 41 5.44 0.80 6.95
O MSE A 41 5.45 0.04 7.94
CB MSE A 41 7.06 -0.06 5.18
CG MSE A 41 7.95 1.14 5.24
SE MSE A 41 9.75 0.52 5.68
CE MSE A 41 9.54 0.21 7.63
N TRP A 42 5.28 2.13 7.06
CA TRP A 42 5.08 2.84 8.35
C TRP A 42 3.65 2.90 8.88
N ALA A 43 2.71 2.29 8.15
CA ALA A 43 1.31 2.44 8.50
C ALA A 43 1.04 2.03 9.95
N PRO A 44 1.60 0.89 10.47
CA PRO A 44 1.36 0.65 11.92
C PRO A 44 1.74 1.73 12.94
N GLN A 45 2.71 2.58 12.63
CA GLN A 45 3.19 3.58 13.60
C GLN A 45 2.41 4.91 13.49
N VAL A 46 1.61 5.06 12.44
CA VAL A 46 1.11 6.40 12.04
C VAL A 46 0.18 6.96 13.11
N ALA A 47 -0.67 6.10 13.68
CA ALA A 47 -1.63 6.54 14.69
C ALA A 47 -0.94 7.03 15.95
N ALA A 48 0.00 6.26 16.48
CA ALA A 48 0.66 6.66 17.72
C ALA A 48 1.47 7.90 17.48
N LEU A 49 2.25 7.93 16.40
CA LEU A 49 3.09 9.07 16.09
C LEU A 49 2.29 10.36 15.96
N SER A 50 1.14 10.26 15.28
CA SER A 50 0.24 11.37 15.06
C SER A 50 -0.32 12.05 16.31
N LYS A 51 -0.39 11.31 17.41
CA LYS A 51 -0.80 11.82 18.71
C LYS A 51 0.20 12.80 19.28
N HIS A 52 1.44 12.83 18.78
CA HIS A 52 2.59 13.62 19.40
C HIS A 52 3.35 14.53 18.37
N PHE A 53 3.31 14.14 17.10
CA PHE A 53 4.05 14.81 16.06
C PHE A 53 3.19 15.15 14.86
N ARG A 54 3.70 16.07 14.05
CA ARG A 54 3.37 16.06 12.64
C ARG A 54 4.35 15.02 11.98
N VAL A 55 3.80 14.17 11.12
CA VAL A 55 4.51 13.02 10.54
C VAL A 55 4.77 13.24 9.07
N LEU A 56 6.04 13.08 8.65
CA LEU A 56 6.35 13.18 7.23
C LEU A 56 6.89 11.83 6.78
N ARG A 57 6.21 11.21 5.81
CA ARG A 57 6.72 10.00 5.18
C ARG A 57 6.98 10.29 3.75
N TYR A 58 7.85 9.49 3.15
CA TYR A 58 8.14 9.71 1.75
C TYR A 58 8.63 8.45 1.12
N ASP A 59 8.55 8.39 -0.20
CA ASP A 59 9.18 7.30 -0.94
C ASP A 59 10.54 7.73 -1.35
N THR A 60 11.51 6.95 -0.93
CA THR A 60 12.90 7.18 -1.31
C THR A 60 13.09 7.15 -2.83
N ARG A 61 14.11 7.91 -3.29
CA ARG A 61 14.39 7.92 -4.71
C ARG A 61 14.50 6.51 -5.22
N GLY A 62 13.96 6.28 -6.41
CA GLY A 62 13.94 4.93 -6.96
C GLY A 62 12.83 4.02 -6.42
N HIS A 63 11.97 4.51 -5.53
CA HIS A 63 11.00 3.65 -4.81
C HIS A 63 9.55 4.16 -4.94
N GLY A 64 8.58 3.24 -4.77
CA GLY A 64 7.20 3.66 -4.56
C GLY A 64 6.75 4.57 -5.70
N HIS A 65 6.14 5.71 -5.36
CA HIS A 65 5.68 6.61 -6.41
C HIS A 65 6.67 7.75 -6.68
N SER A 66 7.88 7.63 -6.15
CA SER A 66 8.87 8.66 -6.41
C SER A 66 9.59 8.38 -7.73
N GLU A 67 10.27 9.40 -8.22
CA GLU A 67 11.07 9.24 -9.42
C GLU A 67 12.23 8.26 -9.22
N ALA A 68 12.65 7.61 -10.31
CA ALA A 68 13.92 6.89 -10.36
C ALA A 68 15.03 7.52 -11.24
N PRO A 69 15.78 8.49 -10.70
CA PRO A 69 16.81 9.09 -11.59
C PRO A 69 17.98 8.13 -11.89
N LYS A 70 18.93 8.60 -12.72
CA LYS A 70 20.03 7.74 -13.13
C LYS A 70 20.89 7.51 -11.88
N GLY A 71 21.37 6.28 -11.73
CA GLY A 71 22.31 5.93 -10.65
C GLY A 71 23.74 5.85 -11.15
N PRO A 72 24.67 5.33 -10.32
CA PRO A 72 24.39 4.86 -8.96
C PRO A 72 23.98 6.00 -8.06
N TYR A 73 23.27 5.73 -6.96
CA TYR A 73 22.95 6.80 -6.02
C TYR A 73 24.02 6.75 -4.98
N THR A 74 24.03 7.74 -4.11
CA THR A 74 25.02 7.84 -3.07
C THR A 74 24.32 8.19 -1.78
N ILE A 75 25.00 7.96 -0.65
CA ILE A 75 24.46 8.40 0.63
C ILE A 75 24.19 9.89 0.68
N GLU A 76 25.00 10.69 -0.03
CA GLU A 76 24.85 12.11 0.03
C GLU A 76 23.60 12.54 -0.71
N GLN A 77 23.28 11.86 -1.80
CA GLN A 77 21.98 12.13 -2.46
C GLN A 77 20.83 11.76 -1.54
N LEU A 78 20.97 10.62 -0.85
CA LEU A 78 19.84 10.16 -0.02
C LEU A 78 19.64 11.09 1.15
N THR A 79 20.75 11.66 1.66
CA THR A 79 20.71 12.64 2.74
C THR A 79 20.13 13.96 2.23
N GLY A 80 20.62 14.38 1.07
CA GLY A 80 20.17 15.63 0.46
C GLY A 80 18.67 15.63 0.14
N ASP A 81 18.10 14.48 -0.23
CA ASP A 81 16.65 14.40 -0.50
C ASP A 81 15.80 14.71 0.73
N VAL A 82 16.25 14.23 1.89
CA VAL A 82 15.55 14.47 3.08
C VAL A 82 15.61 15.95 3.45
N LEU A 83 16.81 16.53 3.35
CA LEU A 83 16.97 17.94 3.68
C LEU A 83 16.15 18.80 2.69
N GLY A 84 16.26 18.46 1.42
CA GLY A 84 15.52 19.18 0.38
C GLY A 84 14.03 19.10 0.59
N LEU A 85 13.53 17.91 0.93
CA LEU A 85 12.10 17.73 1.30
C LEU A 85 11.67 18.61 2.45
N MSE A 86 12.45 18.57 3.53
CA MSE A 86 12.20 19.44 4.68
C MSE A 86 12.28 20.93 4.28
O MSE A 86 11.40 21.69 4.66
CB MSE A 86 13.17 19.12 5.80
CG MSE A 86 13.09 17.70 6.29
SE MSE A 86 14.48 17.31 7.62
CE MSE A 86 14.18 18.63 8.99
N ASP A 87 13.30 21.33 3.51
CA ASP A 87 13.34 22.69 2.93
C ASP A 87 12.02 23.04 2.28
N THR A 88 11.64 22.23 1.27
CA THR A 88 10.40 22.41 0.51
C THR A 88 9.18 22.61 1.42
N LEU A 89 9.07 21.81 2.47
CA LEU A 89 7.92 21.92 3.39
C LEU A 89 8.15 22.87 4.54
N LYS A 90 9.26 23.60 4.49
CA LYS A 90 9.61 24.59 5.50
C LYS A 90 9.68 23.96 6.89
N ILE A 91 10.32 22.79 6.97
CA ILE A 91 10.51 22.11 8.25
C ILE A 91 11.93 22.47 8.66
N ALA A 92 12.07 23.18 9.77
CA ALA A 92 13.35 23.79 10.05
C ALA A 92 14.20 22.69 10.66
N ARG A 93 13.57 21.91 11.54
CA ARG A 93 14.17 20.85 12.34
C ARG A 93 13.16 19.68 12.63
N ALA A 94 13.61 18.43 12.61
CA ALA A 94 12.66 17.33 12.88
C ALA A 94 13.32 16.17 13.60
N ASN A 95 12.54 15.42 14.35
CA ASN A 95 12.93 14.04 14.72
C ASN A 95 12.96 13.17 13.47
N PHE A 96 13.77 12.12 13.55
CA PHE A 96 14.04 11.27 12.42
C PHE A 96 14.05 9.81 12.87
N CYS A 97 13.30 8.99 12.15
CA CYS A 97 13.24 7.53 12.43
C CYS A 97 13.35 6.81 11.09
N GLY A 98 14.44 6.04 10.95
CA GLY A 98 14.76 5.42 9.69
C GLY A 98 15.02 3.95 9.89
N LEU A 99 14.60 3.15 8.91
CA LEU A 99 14.80 1.71 9.05
C LEU A 99 15.69 1.18 7.94
N SER A 100 16.70 0.42 8.33
CA SER A 100 17.78 -0.13 7.47
C SER A 100 18.48 0.99 6.69
N MSE A 101 18.33 1.04 5.36
CA MSE A 101 18.91 2.19 4.62
C MSE A 101 18.37 3.51 5.14
O MSE A 101 19.06 4.55 5.09
CB MSE A 101 18.67 2.09 3.09
CG MSE A 101 17.26 2.51 2.74
SE MSE A 101 17.14 2.38 0.84
CE MSE A 101 18.28 3.88 0.35
N GLY A 102 17.13 3.49 5.62
CA GLY A 102 16.54 4.67 6.28
C GLY A 102 17.40 5.02 7.52
N GLY A 103 17.84 3.99 8.27
CA GLY A 103 18.70 4.25 9.46
C GLY A 103 20.05 4.78 9.04
N LEU A 104 20.59 4.22 7.95
CA LEU A 104 21.88 4.67 7.44
C LEU A 104 21.85 6.16 7.05
N THR A 105 20.81 6.56 6.30
CA THR A 105 20.54 7.98 6.08
C THR A 105 20.47 8.78 7.42
N GLY A 106 19.84 8.20 8.45
CA GLY A 106 19.71 8.85 9.76
C GLY A 106 21.12 9.07 10.34
N VAL A 107 21.99 8.11 10.17
CA VAL A 107 23.34 8.27 10.66
C VAL A 107 23.96 9.48 9.96
N ALA A 108 23.96 9.53 8.63
CA ALA A 108 24.54 10.69 7.89
C ALA A 108 23.92 12.02 8.32
N LEU A 109 22.59 12.03 8.50
CA LEU A 109 21.85 13.24 8.88
C LEU A 109 22.23 13.71 10.30
N ALA A 110 22.26 12.78 11.24
CA ALA A 110 22.58 13.11 12.61
C ALA A 110 24.07 13.55 12.78
N ALA A 111 24.97 12.92 12.04
CA ALA A 111 26.40 13.19 12.16
C ALA A 111 26.73 14.55 11.50
N ARG A 112 26.12 14.78 10.35
CA ARG A 112 26.50 15.89 9.51
C ARG A 112 25.48 17.06 9.57
N HIS A 113 24.24 16.84 10.01
CA HIS A 113 23.23 17.88 9.92
C HIS A 113 22.39 17.99 11.14
N ALA A 114 23.02 18.08 12.32
CA ALA A 114 22.33 18.05 13.58
C ALA A 114 21.48 19.32 13.78
N ASP A 115 21.81 20.40 13.06
CA ASP A 115 21.00 21.62 13.10
C ASP A 115 19.63 21.38 12.48
N ARG A 116 19.40 20.20 11.88
CA ARG A 116 18.12 19.88 11.24
C ARG A 116 17.40 18.74 11.92
N ILE A 117 18.08 18.12 12.89
CA ILE A 117 17.66 16.88 13.51
C ILE A 117 17.55 17.07 14.97
N GLU A 118 16.41 16.72 15.56
CA GLU A 118 16.29 16.80 17.00
C GLU A 118 16.80 15.53 17.65
N ARG A 119 16.07 14.44 17.43
CA ARG A 119 16.43 13.10 17.94
C ARG A 119 16.42 12.11 16.80
N VAL A 120 17.14 10.99 16.96
CA VAL A 120 17.28 10.04 15.85
C VAL A 120 16.96 8.63 16.36
N ALA A 121 16.10 7.89 15.64
CA ALA A 121 15.85 6.47 15.90
C ALA A 121 16.41 5.70 14.69
N LEU A 122 17.33 4.81 14.99
CA LEU A 122 18.10 4.12 13.97
C LEU A 122 17.75 2.67 14.05
N CYS A 123 16.89 2.22 13.13
CA CYS A 123 16.23 0.91 13.33
C CYS A 123 16.66 -0.15 12.31
N ASN A 124 16.99 -1.37 12.79
CA ASN A 124 17.33 -2.47 11.89
C ASN A 124 18.40 -2.03 10.89
N THR A 125 19.40 -1.38 11.43
CA THR A 125 20.42 -0.77 10.57
C THR A 125 21.85 -0.98 11.11
N ALA A 126 22.84 -0.43 10.43
CA ALA A 126 24.20 -0.51 10.89
C ALA A 126 24.86 0.72 10.26
N ALA A 127 26.03 1.08 10.77
CA ALA A 127 26.81 2.17 10.18
C ALA A 127 27.34 1.78 8.76
N ARG A 128 27.52 0.48 8.55
CA ARG A 128 27.91 -0.06 7.27
C ARG A 128 27.06 -1.29 7.05
N ILE A 129 26.14 -1.22 6.09
CA ILE A 129 25.17 -2.32 5.91
C ILE A 129 25.64 -3.34 4.86
N GLY A 130 25.66 -4.64 5.23
CA GLY A 130 25.99 -5.74 4.25
C GLY A 130 27.43 -5.61 3.75
N SER A 131 27.68 -6.05 2.51
CA SER A 131 29.05 -6.09 1.92
C SER A 131 28.87 -6.21 0.42
N PRO A 132 29.99 -6.08 -0.37
CA PRO A 132 29.82 -6.26 -1.81
C PRO A 132 29.28 -7.68 -2.19
N GLU A 133 29.55 -8.73 -1.38
CA GLU A 133 28.99 -10.08 -1.66
C GLU A 133 27.45 -10.05 -1.59
N VAL A 134 26.88 -9.14 -0.81
CA VAL A 134 25.44 -8.93 -0.80
C VAL A 134 25.00 -8.01 -1.96
N TRP A 135 25.62 -6.83 -2.09
CA TRP A 135 25.02 -5.75 -2.92
C TRP A 135 25.23 -5.86 -4.42
N VAL A 136 26.42 -6.34 -4.80
CA VAL A 136 26.72 -6.46 -6.23
C VAL A 136 25.81 -7.51 -6.88
N PRO A 137 25.75 -8.75 -6.34
CA PRO A 137 24.89 -9.73 -6.99
C PRO A 137 23.40 -9.31 -6.99
N ARG A 138 22.98 -8.65 -5.91
CA ARG A 138 21.60 -8.17 -5.76
C ARG A 138 21.26 -7.15 -6.88
N ALA A 139 22.16 -6.22 -7.13
CA ALA A 139 21.90 -5.23 -8.16
C ALA A 139 21.89 -5.90 -9.54
N VAL A 140 22.80 -6.85 -9.79
CA VAL A 140 22.83 -7.57 -11.10
C VAL A 140 21.55 -8.32 -11.30
N LYS A 141 21.16 -9.07 -10.26
CA LYS A 141 19.92 -9.83 -10.31
C LYS A 141 18.69 -8.94 -10.56
N ALA A 142 18.58 -7.84 -9.79
CA ALA A 142 17.54 -6.83 -9.99
C ALA A 142 17.52 -6.39 -11.44
N ARG A 143 18.67 -5.96 -11.97
CA ARG A 143 18.73 -5.42 -13.34
C ARG A 143 18.44 -6.47 -14.41
N THR A 144 18.94 -7.69 -14.19
CA THR A 144 18.91 -8.65 -15.29
C THR A 144 17.68 -9.55 -15.25
N GLU A 145 17.11 -9.76 -14.08
CA GLU A 145 16.02 -10.68 -13.97
C GLU A 145 14.73 -9.98 -13.50
N GLY A 146 14.84 -8.75 -13.02
CA GLY A 146 13.67 -8.12 -12.39
C GLY A 146 13.41 -8.45 -10.92
N MSE A 147 12.50 -7.69 -10.30
CA MSE A 147 12.21 -7.81 -8.87
C MSE A 147 11.45 -9.04 -8.43
O MSE A 147 11.56 -9.48 -7.26
CB MSE A 147 11.42 -6.60 -8.41
CG MSE A 147 12.10 -5.30 -8.69
SE MSE A 147 13.89 -5.16 -7.90
CE MSE A 147 13.41 -5.56 -6.06
N HIS A 148 10.62 -9.59 -9.33
CA HIS A 148 9.85 -10.78 -8.99
C HIS A 148 10.83 -11.90 -8.57
N ALA A 149 11.91 -12.05 -9.34
CA ALA A 149 12.93 -13.07 -9.08
C ALA A 149 13.64 -12.88 -7.73
N LEU A 150 13.76 -11.63 -7.28
CA LEU A 150 14.47 -11.28 -6.05
C LEU A 150 13.64 -11.50 -4.80
N ALA A 151 12.32 -11.41 -4.93
CA ALA A 151 11.42 -11.40 -3.75
C ALA A 151 11.54 -12.67 -2.99
N ASP A 152 11.54 -13.80 -3.69
CA ASP A 152 11.67 -15.09 -3.01
C ASP A 152 12.88 -15.16 -2.08
N ALA A 153 14.02 -14.62 -2.49
CA ALA A 153 15.22 -14.66 -1.62
C ALA A 153 15.21 -13.61 -0.51
N VAL A 154 14.70 -12.43 -0.81
CA VAL A 154 14.83 -11.30 0.09
C VAL A 154 13.76 -11.35 1.16
N LEU A 155 12.52 -11.64 0.79
CA LEU A 155 11.40 -11.52 1.77
C LEU A 155 11.59 -12.38 3.03
N PRO A 156 12.15 -13.60 2.89
CA PRO A 156 12.38 -14.39 4.12
C PRO A 156 13.32 -13.77 5.12
N ARG A 157 14.17 -12.86 4.68
CA ARG A 157 15.05 -12.12 5.58
C ARG A 157 14.33 -11.02 6.37
N TRP A 158 13.15 -10.63 5.90
CA TRP A 158 12.41 -9.54 6.52
C TRP A 158 11.53 -9.92 7.70
N PHE A 159 10.99 -11.13 7.70
CA PHE A 159 10.04 -11.59 8.72
C PHE A 159 10.39 -13.01 9.10
N THR A 160 10.12 -13.39 10.33
CA THR A 160 10.32 -14.83 10.68
C THR A 160 9.30 -15.66 9.91
N ALA A 161 9.63 -16.95 9.74
CA ALA A 161 8.83 -17.90 8.99
C ALA A 161 7.47 -18.03 9.65
N ASP A 162 7.45 -18.01 10.97
CA ASP A 162 6.13 -18.06 11.68
C ASP A 162 5.26 -16.82 11.35
N TYR A 163 5.86 -15.63 11.34
CA TYR A 163 5.10 -14.42 11.11
C TYR A 163 4.52 -14.47 9.69
N MSE A 164 5.35 -14.84 8.72
CA MSE A 164 4.89 -14.93 7.34
C MSE A 164 3.75 -15.94 7.15
O MSE A 164 2.74 -15.63 6.50
CB MSE A 164 6.05 -15.33 6.45
CG MSE A 164 7.02 -14.27 6.35
SE MSE A 164 8.56 -14.86 5.36
CE MSE A 164 9.08 -16.44 6.32
N GLU A 165 3.89 -17.13 7.73
CA GLU A 165 2.78 -18.13 7.75
C GLU A 165 1.51 -17.60 8.40
N ARG A 166 1.65 -16.85 9.49
CA ARG A 166 0.44 -16.36 10.17
C ARG A 166 -0.20 -15.16 9.50
N GLU A 167 0.58 -14.40 8.75
CA GLU A 167 0.15 -13.11 8.25
C GLU A 167 0.32 -13.01 6.71
N PRO A 168 -0.35 -13.90 5.95
CA PRO A 168 -0.16 -13.91 4.51
C PRO A 168 -0.69 -12.59 3.82
N VAL A 169 -1.64 -11.88 4.44
CA VAL A 169 -2.16 -10.62 3.80
C VAL A 169 -1.05 -9.54 3.94
N VAL A 170 -0.51 -9.40 5.16
CA VAL A 170 0.61 -8.43 5.38
C VAL A 170 1.76 -8.80 4.42
N LEU A 171 2.13 -10.08 4.42
CA LEU A 171 3.24 -10.46 3.55
C LEU A 171 2.91 -10.13 2.07
N ALA A 172 1.70 -10.49 1.63
CA ALA A 172 1.31 -10.20 0.25
C ALA A 172 1.35 -8.72 -0.08
N MSE A 173 0.91 -7.88 0.87
CA MSE A 173 0.98 -6.45 0.64
C MSE A 173 2.40 -5.92 0.52
O MSE A 173 2.71 -5.10 -0.38
CB MSE A 173 0.24 -5.67 1.71
CG MSE A 173 -1.23 -5.76 1.42
SE MSE A 173 -2.23 -5.13 2.94
CE MSE A 173 -2.58 -3.30 2.35
N ILE A 174 3.27 -6.39 1.43
CA ILE A 174 4.64 -5.94 1.44
C ILE A 174 5.34 -6.45 0.19
N ARG A 175 5.06 -7.71 -0.17
CA ARG A 175 5.70 -8.34 -1.30
C ARG A 175 5.26 -7.56 -2.57
N ASP A 176 3.98 -7.18 -2.63
CA ASP A 176 3.50 -6.45 -3.85
C ASP A 176 4.30 -5.17 -4.06
N VAL A 177 4.55 -4.40 -2.97
CA VAL A 177 5.34 -3.14 -3.11
C VAL A 177 6.79 -3.46 -3.57
N PHE A 178 7.40 -4.52 -3.01
CA PHE A 178 8.77 -4.90 -3.35
C PHE A 178 8.89 -5.26 -4.84
N VAL A 179 7.95 -6.06 -5.28
CA VAL A 179 8.01 -6.66 -6.60
C VAL A 179 7.69 -5.58 -7.70
N HIS A 180 7.05 -4.53 -7.26
CA HIS A 180 6.75 -3.44 -8.19
C HIS A 180 7.70 -2.24 -8.06
N THR A 181 8.76 -2.40 -7.26
CA THR A 181 9.76 -1.32 -7.16
C THR A 181 10.51 -1.32 -8.48
N ASP A 182 10.78 -0.11 -8.97
CA ASP A 182 11.61 0.11 -10.16
C ASP A 182 12.93 -0.68 -10.01
N LYS A 183 13.24 -1.60 -10.92
CA LYS A 183 14.41 -2.42 -10.77
C LYS A 183 15.72 -1.61 -10.84
N GLU A 184 15.76 -0.59 -11.69
CA GLU A 184 16.95 0.30 -11.79
C GLU A 184 17.10 1.17 -10.51
N GLY A 185 15.96 1.64 -9.96
CA GLY A 185 16.01 2.49 -8.77
C GLY A 185 16.52 1.62 -7.62
N TYR A 186 16.05 0.41 -7.63
CA TYR A 186 16.41 -0.55 -6.61
C TYR A 186 17.90 -0.84 -6.72
N ALA A 187 18.37 -1.25 -7.88
CA ALA A 187 19.82 -1.52 -8.03
C ALA A 187 20.71 -0.29 -7.68
N SER A 188 20.26 0.90 -8.07
CA SER A 188 21.02 2.13 -7.88
C SER A 188 21.14 2.42 -6.38
N ASN A 189 20.11 2.04 -5.60
CA ASN A 189 20.21 2.15 -4.12
C ASN A 189 21.08 1.06 -3.52
N CYS A 190 20.99 -0.16 -4.04
CA CYS A 190 21.97 -1.19 -3.65
C CYS A 190 23.39 -0.64 -3.76
N GLU A 191 23.63 0.12 -4.83
CA GLU A 191 24.98 0.74 -5.02
C GLU A 191 25.27 1.83 -3.97
N ALA A 192 24.27 2.68 -3.64
CA ALA A 192 24.50 3.67 -2.59
C ALA A 192 24.86 2.98 -1.27
N ILE A 193 24.11 1.93 -0.95
CA ILE A 193 24.31 1.29 0.34
C ILE A 193 25.68 0.61 0.45
N ASP A 194 26.09 -0.07 -0.61
CA ASP A 194 27.35 -0.75 -0.66
C ASP A 194 28.50 0.22 -0.52
N ALA A 195 28.41 1.35 -1.24
CA ALA A 195 29.44 2.43 -1.18
C ALA A 195 29.49 3.16 0.16
N ALA A 196 28.46 3.04 0.99
CA ALA A 196 28.43 3.89 2.18
C ALA A 196 28.98 3.18 3.41
N ASP A 197 30.04 3.72 3.97
CA ASP A 197 30.45 3.23 5.26
C ASP A 197 30.51 4.40 6.21
N LEU A 198 29.58 4.46 7.14
CA LEU A 198 29.48 5.64 7.98
C LEU A 198 30.11 5.39 9.36
N ARG A 199 30.83 4.28 9.51
CA ARG A 199 31.49 3.94 10.74
C ARG A 199 32.39 5.11 11.19
N PRO A 200 33.22 5.70 10.29
CA PRO A 200 34.04 6.83 10.76
C PRO A 200 33.27 7.98 11.39
N GLU A 201 32.04 8.30 10.94
CA GLU A 201 31.28 9.43 11.52
C GLU A 201 30.20 9.14 12.55
N ALA A 202 29.91 7.88 12.83
CA ALA A 202 28.93 7.57 13.86
C ALA A 202 29.31 8.21 15.20
N PRO A 203 30.62 8.25 15.52
CA PRO A 203 30.94 8.76 16.83
C PRO A 203 30.73 10.25 16.94
N GLY A 204 30.50 10.92 15.82
CA GLY A 204 30.27 12.37 15.81
C GLY A 204 28.79 12.72 15.98
N ILE A 205 27.97 11.73 16.27
CA ILE A 205 26.55 12.02 16.46
C ILE A 205 26.33 12.57 17.89
N LYS A 206 25.87 13.80 17.98
CA LYS A 206 25.64 14.41 19.30
C LYS A 206 24.17 14.67 19.66
N VAL A 207 23.24 14.06 18.94
CA VAL A 207 21.84 14.21 19.30
C VAL A 207 21.43 12.96 19.99
N PRO A 208 20.33 13.04 20.80
CA PRO A 208 19.77 11.82 21.42
C PRO A 208 19.47 10.78 20.32
N ALA A 209 19.96 9.55 20.51
CA ALA A 209 19.89 8.51 19.48
C ALA A 209 19.40 7.23 20.06
N LEU A 210 18.49 6.53 19.35
CA LEU A 210 18.03 5.23 19.77
C LEU A 210 18.39 4.25 18.64
N VAL A 211 18.92 3.08 18.99
CA VAL A 211 19.18 2.08 18.02
C VAL A 211 18.29 0.91 18.30
N ILE A 212 17.47 0.52 17.34
CA ILE A 212 16.66 -0.70 17.52
C ILE A 212 17.19 -1.78 16.61
N SER A 213 17.43 -2.99 17.17
CA SER A 213 17.79 -4.15 16.31
C SER A 213 16.85 -5.30 16.52
N GLY A 214 16.83 -6.19 15.55
CA GLY A 214 16.00 -7.38 15.64
C GLY A 214 16.86 -8.58 15.93
N THR A 215 16.48 -9.36 16.94
CA THR A 215 17.20 -10.58 17.34
C THR A 215 17.38 -11.50 16.15
N HIS A 216 16.37 -11.58 15.31
CA HIS A 216 16.47 -12.52 14.23
C HIS A 216 16.96 -11.92 12.91
N ASP A 217 17.42 -10.68 12.95
CA ASP A 217 17.77 -9.91 11.77
C ASP A 217 19.17 -10.34 11.30
N LEU A 218 19.22 -10.93 10.09
CA LEU A 218 20.47 -11.33 9.44
C LEU A 218 20.96 -10.29 8.47
N ALA A 219 20.10 -9.35 8.10
CA ALA A 219 20.53 -8.32 7.13
C ALA A 219 21.32 -7.19 7.83
N ALA A 220 20.94 -6.84 9.06
CA ALA A 220 21.68 -5.88 9.88
C ALA A 220 21.55 -6.52 11.24
N THR A 221 22.66 -6.85 11.88
CA THR A 221 22.62 -7.78 13.01
C THR A 221 22.49 -7.08 14.37
N PRO A 222 22.04 -7.82 15.41
CA PRO A 222 22.21 -7.29 16.78
C PRO A 222 23.67 -6.80 17.10
N ALA A 223 24.68 -7.54 16.71
CA ALA A 223 26.07 -7.07 16.95
C ALA A 223 26.31 -5.69 16.30
N GLN A 224 25.88 -5.53 15.04
CA GLN A 224 25.99 -4.25 14.35
C GLN A 224 25.27 -3.11 15.01
N GLY A 225 24.09 -3.39 15.53
CA GLY A 225 23.34 -2.37 16.22
C GLY A 225 24.00 -2.03 17.54
N ARG A 226 24.51 -3.02 18.23
CA ARG A 226 25.26 -2.68 19.45
C ARG A 226 26.52 -1.86 19.14
N GLU A 227 27.23 -2.17 18.06
CA GLU A 227 28.42 -1.42 17.65
C GLU A 227 28.11 0.05 17.31
N LEU A 228 26.96 0.23 16.64
CA LEU A 228 26.48 1.57 16.26
C LEU A 228 26.11 2.38 17.52
N ALA A 229 25.32 1.76 18.39
CA ALA A 229 24.98 2.37 19.65
C ALA A 229 26.20 2.70 20.52
N GLN A 230 27.21 1.80 20.55
CA GLN A 230 28.40 2.04 21.43
C GLN A 230 29.22 3.24 20.90
N ALA A 231 29.15 3.49 19.58
CA ALA A 231 29.90 4.57 18.94
C ALA A 231 29.29 5.90 19.28
N ILE A 232 27.99 5.92 19.52
CA ILE A 232 27.29 7.16 19.73
C ILE A 232 27.16 7.43 21.26
N ALA A 233 27.82 8.47 21.78
CA ALA A 233 27.62 8.87 23.18
C ALA A 233 26.15 9.10 23.52
N GLY A 234 25.70 8.41 24.58
CA GLY A 234 24.36 8.55 25.13
C GLY A 234 23.31 7.70 24.41
N ALA A 235 23.72 6.99 23.37
CA ALA A 235 22.77 6.19 22.58
C ALA A 235 22.22 5.02 23.38
N ARG A 236 20.94 4.77 23.20
CA ARG A 236 20.25 3.67 23.83
C ARG A 236 20.03 2.55 22.79
N TYR A 237 20.38 1.32 23.20
CA TYR A 237 20.22 0.17 22.36
C TYR A 237 19.02 -0.62 22.85
N VAL A 238 18.08 -0.91 21.94
CA VAL A 238 16.91 -1.75 22.27
C VAL A 238 16.81 -2.92 21.28
N GLU A 239 16.63 -4.15 21.78
CA GLU A 239 16.47 -5.29 20.87
C GLU A 239 15.06 -5.82 20.91
N LEU A 240 14.48 -6.04 19.73
CA LEU A 240 13.14 -6.58 19.62
C LEU A 240 13.17 -7.98 19.08
N ASP A 241 12.19 -8.79 19.49
CA ASP A 241 12.11 -10.14 19.07
C ASP A 241 11.50 -10.20 17.68
N ALA A 242 12.33 -9.83 16.70
CA ALA A 242 11.87 -9.68 15.34
C ALA A 242 13.02 -9.88 14.39
N SER A 243 12.71 -9.91 13.10
CA SER A 243 13.72 -9.99 12.10
C SER A 243 13.91 -8.56 11.57
N HIS A 244 14.01 -8.39 10.28
CA HIS A 244 14.53 -7.13 9.70
C HIS A 244 13.53 -6.01 9.60
N ILE A 245 12.23 -6.33 9.34
CA ILE A 245 11.19 -5.29 9.28
C ILE A 245 10.44 -5.31 10.61
N SER A 246 11.14 -4.85 11.64
CA SER A 246 10.71 -5.08 12.99
C SER A 246 9.46 -4.22 13.37
N ASN A 247 9.25 -3.11 12.67
CA ASN A 247 8.14 -2.22 12.99
C ASN A 247 6.83 -2.84 12.56
N ILE A 248 6.90 -3.85 11.68
CA ILE A 248 5.70 -4.64 11.36
C ILE A 248 5.52 -5.86 12.24
N GLU A 249 6.55 -6.70 12.31
CA GLU A 249 6.41 -7.96 13.05
C GLU A 249 6.20 -7.76 14.56
N ARG A 250 6.82 -6.71 15.13
CA ARG A 250 6.64 -6.31 16.50
C ARG A 250 6.14 -4.84 16.56
N ALA A 251 5.06 -4.56 15.85
CA ALA A 251 4.57 -3.18 15.71
C ALA A 251 4.36 -2.49 17.05
N ASP A 252 3.65 -3.13 17.97
CA ASP A 252 3.36 -2.47 19.25
C ASP A 252 4.62 -2.17 20.03
N ALA A 253 5.54 -3.12 20.08
CA ALA A 253 6.74 -2.92 20.89
C ALA A 253 7.62 -1.87 20.22
N PHE A 254 7.64 -1.86 18.90
CA PHE A 254 8.45 -0.89 18.15
C PHE A 254 7.90 0.52 18.42
N THR A 255 6.59 0.65 18.24
CA THR A 255 5.92 1.94 18.30
C THR A 255 6.10 2.51 19.68
N LYS A 256 5.86 1.70 20.69
CA LYS A 256 6.03 2.17 22.05
C LYS A 256 7.52 2.61 22.29
N THR A 257 8.49 1.82 21.85
CA THR A 257 9.92 2.20 22.05
C THR A 257 10.21 3.56 21.45
N VAL A 258 9.80 3.77 20.20
CA VAL A 258 10.17 4.97 19.47
C VAL A 258 9.45 6.21 20.09
N VAL A 259 8.16 6.05 20.35
CA VAL A 259 7.37 7.15 20.91
C VAL A 259 7.89 7.56 22.28
N ASP A 260 8.11 6.59 23.16
CA ASP A 260 8.67 6.89 24.49
C ASP A 260 10.00 7.63 24.34
N PHE A 261 10.89 7.13 23.45
CA PHE A 261 12.22 7.74 23.27
C PHE A 261 12.09 9.19 22.76
N LEU A 262 11.25 9.39 21.74
CA LEU A 262 11.08 10.70 21.13
C LEU A 262 10.33 11.72 21.96
N THR A 263 9.55 11.26 22.93
CA THR A 263 8.76 12.19 23.76
C THR A 263 9.39 12.36 25.15
N GLU A 264 10.59 11.78 25.35
CA GLU A 264 11.54 12.25 26.36
C GLU A 264 12.06 13.59 25.84
N MSE B 4 5.71 5.32 -11.78
CA MSE B 4 4.66 4.22 -11.80
C MSE B 4 3.71 4.38 -13.02
O MSE B 4 3.43 5.52 -13.40
CB MSE B 4 3.80 4.28 -10.52
CG MSE B 4 4.60 4.24 -9.24
SE MSE B 4 4.63 2.46 -8.36
CE MSE B 4 3.29 1.48 -9.36
N PRO B 5 3.15 3.27 -13.57
CA PRO B 5 2.24 3.23 -14.73
C PRO B 5 0.89 3.96 -14.60
N TYR B 6 0.59 4.86 -15.55
CA TYR B 6 -0.66 5.66 -15.56
C TYR B 6 -1.10 5.60 -16.98
N ALA B 7 -2.38 5.61 -17.20
CA ALA B 7 -2.95 5.75 -18.55
C ALA B 7 -3.97 6.90 -18.50
N ALA B 8 -3.89 7.82 -19.46
CA ALA B 8 -4.91 8.84 -19.69
C ALA B 8 -6.05 8.20 -20.47
N VAL B 9 -7.21 8.08 -19.82
CA VAL B 9 -8.31 7.30 -20.32
C VAL B 9 -9.63 7.95 -19.95
N ASN B 10 -10.60 8.02 -20.88
CA ASN B 10 -11.99 8.48 -20.56
C ASN B 10 -11.96 9.88 -19.91
N GLY B 11 -11.04 10.73 -20.34
CA GLY B 11 -10.88 12.06 -19.77
C GLY B 11 -10.35 12.15 -18.34
N THR B 12 -9.67 11.10 -17.86
CA THR B 12 -8.87 11.15 -16.60
C THR B 12 -7.54 10.45 -16.78
N GLU B 13 -6.80 10.30 -15.68
CA GLU B 13 -5.57 9.54 -15.60
C GLU B 13 -5.67 8.47 -14.48
N LEU B 14 -5.47 7.20 -14.83
CA LEU B 14 -5.53 6.11 -13.86
C LEU B 14 -4.18 5.43 -13.64
N HIS B 15 -3.85 5.25 -12.37
CA HIS B 15 -2.72 4.44 -11.95
C HIS B 15 -3.12 2.96 -12.11
N TYR B 16 -2.26 2.17 -12.73
CA TYR B 16 -2.58 0.73 -12.85
C TYR B 16 -1.37 -0.17 -12.55
N ARG B 17 -1.64 -1.45 -12.44
CA ARG B 17 -0.57 -2.44 -12.14
C ARG B 17 -0.83 -3.72 -12.81
N ILE B 18 0.19 -4.28 -13.46
CA ILE B 18 0.04 -5.58 -14.14
C ILE B 18 0.89 -6.73 -13.46
N ASP B 19 0.31 -7.91 -13.25
CA ASP B 19 1.11 -9.05 -12.79
C ASP B 19 0.86 -10.25 -13.70
N GLY B 20 1.77 -11.25 -13.65
CA GLY B 20 1.77 -12.34 -14.59
C GLY B 20 2.61 -11.90 -15.80
N GLU B 21 2.85 -12.78 -16.75
CA GLU B 21 3.77 -12.45 -17.88
C GLU B 21 2.98 -11.58 -18.86
N ARG B 22 3.27 -10.29 -18.99
CA ARG B 22 2.26 -9.37 -19.58
C ARG B 22 2.07 -9.57 -21.13
N HIS B 23 3.10 -10.16 -21.75
CA HIS B 23 3.00 -10.64 -23.16
C HIS B 23 2.76 -12.12 -23.40
N GLY B 24 2.37 -12.80 -22.32
CA GLY B 24 1.99 -14.20 -22.43
C GLY B 24 0.61 -14.35 -23.06
N ASN B 25 0.12 -15.58 -23.03
CA ASN B 25 -1.14 -15.93 -23.69
C ASN B 25 -2.25 -16.29 -22.72
N ALA B 26 -2.05 -16.07 -21.42
CA ALA B 26 -3.09 -16.49 -20.45
C ALA B 26 -4.22 -15.47 -20.59
N PRO B 27 -5.46 -15.88 -20.25
CA PRO B 27 -6.55 -14.94 -20.23
C PRO B 27 -6.26 -13.80 -19.24
N TRP B 28 -6.80 -12.64 -19.52
CA TRP B 28 -6.71 -11.51 -18.62
C TRP B 28 -7.76 -11.61 -17.51
N ILE B 29 -7.43 -11.05 -16.34
CA ILE B 29 -8.43 -10.74 -15.30
C ILE B 29 -8.23 -9.31 -14.87
N VAL B 30 -9.33 -8.54 -14.74
CA VAL B 30 -9.25 -7.14 -14.27
C VAL B 30 -9.90 -7.15 -12.91
N LEU B 31 -9.27 -6.52 -11.93
CA LEU B 31 -9.86 -6.51 -10.57
C LEU B 31 -10.36 -5.06 -10.39
N SER B 32 -11.46 -4.85 -9.67
CA SER B 32 -11.90 -3.49 -9.44
C SER B 32 -12.24 -3.25 -7.98
N ASN B 33 -11.72 -2.17 -7.40
CA ASN B 33 -11.59 -1.99 -5.95
C ASN B 33 -12.91 -1.45 -5.32
N SER B 34 -12.96 -1.55 -4.01
CA SER B 34 -14.02 -0.92 -3.19
C SER B 34 -13.80 0.56 -3.03
N LEU B 35 -14.89 1.32 -2.79
CA LEU B 35 -14.76 2.70 -2.32
C LEU B 35 -13.80 2.86 -1.12
N GLY B 36 -12.88 3.85 -1.19
CA GLY B 36 -11.94 4.14 -0.11
C GLY B 36 -10.78 3.15 -0.04
N THR B 37 -10.55 2.36 -1.10
CA THR B 37 -9.36 1.47 -1.13
C THR B 37 -8.52 1.82 -2.35
N ASP B 38 -7.33 1.24 -2.44
CA ASP B 38 -6.59 1.34 -3.66
C ASP B 38 -6.19 -0.06 -4.07
N LEU B 39 -5.35 -0.18 -5.11
CA LEU B 39 -5.13 -1.50 -5.67
C LEU B 39 -4.37 -2.48 -4.80
N SER B 40 -3.79 -2.00 -3.67
CA SER B 40 -3.15 -2.89 -2.68
C SER B 40 -4.14 -3.82 -2.02
N MSE B 41 -5.43 -3.46 -2.07
CA MSE B 41 -6.43 -4.33 -1.38
C MSE B 41 -6.50 -5.73 -1.98
O MSE B 41 -6.92 -6.65 -1.31
CB MSE B 41 -7.82 -3.68 -1.38
CG MSE B 41 -8.40 -3.59 -2.79
SE MSE B 41 -10.32 -3.53 -2.64
CE MSE B 41 -10.73 -5.37 -2.15
N TRP B 42 -6.05 -5.91 -3.24
CA TRP B 42 -6.11 -7.22 -3.88
C TRP B 42 -4.79 -7.98 -3.72
N ALA B 43 -3.83 -7.44 -2.99
CA ALA B 43 -2.57 -8.11 -2.89
C ALA B 43 -2.69 -9.61 -2.47
N PRO B 44 -3.64 -9.97 -1.56
CA PRO B 44 -3.66 -11.44 -1.22
C PRO B 44 -4.05 -12.36 -2.37
N GLN B 45 -4.74 -11.82 -3.37
CA GLN B 45 -5.12 -12.63 -4.52
C GLN B 45 -4.08 -12.72 -5.67
N VAL B 46 -3.10 -11.84 -5.66
CA VAL B 46 -2.26 -11.64 -6.88
C VAL B 46 -1.46 -12.91 -7.30
N ALA B 47 -0.87 -13.53 -6.30
CA ALA B 47 -0.05 -14.73 -6.51
C ALA B 47 -0.84 -15.87 -7.17
N ALA B 48 -1.99 -16.25 -6.61
CA ALA B 48 -2.79 -17.30 -7.16
C ALA B 48 -3.38 -16.92 -8.52
N LEU B 49 -3.73 -15.67 -8.74
CA LEU B 49 -4.34 -15.31 -10.01
C LEU B 49 -3.31 -15.24 -11.14
N SER B 50 -2.11 -14.78 -10.81
CA SER B 50 -0.93 -14.75 -11.71
C SER B 50 -0.54 -16.06 -12.25
N LYS B 51 -0.94 -17.14 -11.57
CA LYS B 51 -0.59 -18.47 -12.03
C LYS B 51 -1.45 -18.83 -13.25
N HIS B 52 -2.67 -18.31 -13.26
CA HIS B 52 -3.62 -18.66 -14.29
C HIS B 52 -3.93 -17.57 -15.27
N PHE B 53 -3.63 -16.32 -14.94
CA PHE B 53 -4.09 -15.13 -15.67
C PHE B 53 -3.00 -14.11 -15.78
N ARG B 54 -3.17 -13.21 -16.76
CA ARG B 54 -2.52 -11.90 -16.70
C ARG B 54 -3.48 -10.98 -15.91
N VAL B 55 -2.92 -10.32 -14.88
CA VAL B 55 -3.66 -9.51 -13.93
C VAL B 55 -3.53 -8.04 -14.11
N LEU B 56 -4.66 -7.37 -14.26
CA LEU B 56 -4.70 -5.94 -14.23
C LEU B 56 -5.42 -5.42 -13.02
N ARG B 57 -4.74 -4.56 -12.26
CA ARG B 57 -5.37 -3.79 -11.17
C ARG B 57 -5.25 -2.32 -11.48
N TYR B 58 -6.11 -1.50 -10.86
CA TYR B 58 -6.02 -0.08 -11.11
C TYR B 58 -6.63 0.65 -9.93
N ASP B 59 -6.27 1.92 -9.79
CA ASP B 59 -6.91 2.79 -8.81
C ASP B 59 -8.10 3.46 -9.50
N THR B 60 -9.28 3.18 -8.98
CA THR B 60 -10.50 3.81 -9.50
C THR B 60 -10.33 5.34 -9.48
N ARG B 61 -10.96 6.07 -10.40
CA ARG B 61 -10.86 7.53 -10.33
C ARG B 61 -11.23 8.02 -8.92
N GLY B 62 -10.58 9.07 -8.51
CA GLY B 62 -10.76 9.64 -7.17
C GLY B 62 -10.00 8.92 -6.08
N HIS B 63 -9.26 7.84 -6.43
CA HIS B 63 -8.59 6.98 -5.41
C HIS B 63 -7.10 6.82 -5.67
N GLY B 64 -6.39 6.49 -4.59
CA GLY B 64 -5.06 5.93 -4.72
C GLY B 64 -4.19 6.94 -5.39
N HIS B 65 -3.55 6.51 -6.47
CA HIS B 65 -2.66 7.40 -7.18
C HIS B 65 -3.23 7.84 -8.49
N SER B 66 -4.52 7.63 -8.65
CA SER B 66 -5.17 8.03 -9.88
C SER B 66 -5.62 9.49 -9.69
N GLU B 67 -6.03 10.12 -10.79
CA GLU B 67 -6.55 11.48 -10.71
C GLU B 67 -7.89 11.45 -10.02
N ALA B 68 -8.19 12.53 -9.30
CA ALA B 68 -9.59 12.75 -8.89
C ALA B 68 -10.25 13.88 -9.71
N PRO B 69 -10.80 13.58 -10.90
CA PRO B 69 -11.39 14.68 -11.66
C PRO B 69 -12.68 15.22 -11.02
N LYS B 70 -13.33 16.16 -11.73
CA LYS B 70 -14.48 16.88 -11.18
C LYS B 70 -15.66 15.95 -11.10
N GLY B 71 -16.21 15.86 -9.90
CA GLY B 71 -17.43 15.08 -9.69
C GLY B 71 -18.71 15.91 -9.84
N PRO B 72 -19.90 15.27 -9.72
CA PRO B 72 -20.12 13.88 -9.31
C PRO B 72 -19.56 12.90 -10.35
N TYR B 73 -19.38 11.63 -9.99
CA TYR B 73 -18.99 10.63 -11.01
C TYR B 73 -20.19 9.82 -11.31
N THR B 74 -20.12 9.08 -12.38
CA THR B 74 -21.23 8.24 -12.74
C THR B 74 -20.74 6.85 -12.98
N ILE B 75 -21.66 5.89 -12.90
CA ILE B 75 -21.39 4.47 -13.23
C ILE B 75 -20.89 4.30 -14.69
N GLU B 76 -21.33 5.21 -15.59
CA GLU B 76 -20.81 5.27 -16.97
C GLU B 76 -19.39 5.77 -17.04
N GLN B 77 -19.01 6.69 -16.17
CA GLN B 77 -17.62 7.08 -16.18
C GLN B 77 -16.78 5.86 -15.67
N LEU B 78 -17.28 5.23 -14.63
CA LEU B 78 -16.55 4.11 -14.04
C LEU B 78 -16.40 2.93 -14.97
N THR B 79 -17.42 2.64 -15.74
CA THR B 79 -17.37 1.57 -16.68
C THR B 79 -16.38 1.93 -17.81
N GLY B 80 -16.45 3.17 -18.28
CA GLY B 80 -15.65 3.65 -19.38
C GLY B 80 -14.17 3.75 -19.01
N ASP B 81 -13.93 3.97 -17.72
CA ASP B 81 -12.60 3.92 -17.20
C ASP B 81 -11.99 2.54 -17.45
N VAL B 82 -12.72 1.47 -17.14
CA VAL B 82 -12.21 0.06 -17.25
C VAL B 82 -11.97 -0.17 -18.71
N LEU B 83 -12.98 0.15 -19.51
CA LEU B 83 -12.85 -0.01 -20.97
C LEU B 83 -11.70 0.73 -21.63
N GLY B 84 -11.48 1.97 -21.27
CA GLY B 84 -10.39 2.77 -21.81
C GLY B 84 -9.03 2.26 -21.37
N LEU B 85 -8.93 1.84 -20.10
CA LEU B 85 -7.72 1.13 -19.65
C LEU B 85 -7.44 -0.14 -20.44
N MSE B 86 -8.45 -1.02 -20.56
CA MSE B 86 -8.31 -2.22 -21.39
C MSE B 86 -7.90 -1.88 -22.81
O MSE B 86 -6.93 -2.46 -23.37
CB MSE B 86 -9.60 -2.99 -21.40
CG MSE B 86 -9.76 -3.80 -20.17
SE MSE B 86 -11.58 -4.43 -20.04
CE MSE B 86 -11.54 -5.72 -21.53
N ASP B 87 -8.59 -0.91 -23.39
CA ASP B 87 -8.28 -0.47 -24.75
C ASP B 87 -6.83 -0.01 -24.90
N THR B 88 -6.40 0.81 -23.95
CA THR B 88 -5.01 1.31 -23.85
C THR B 88 -4.00 0.18 -23.84
N LEU B 89 -4.32 -0.88 -23.07
CA LEU B 89 -3.44 -2.07 -22.97
C LEU B 89 -3.63 -3.12 -24.08
N LYS B 90 -4.49 -2.79 -25.06
CA LYS B 90 -4.89 -3.70 -26.14
C LYS B 90 -5.56 -4.97 -25.62
N ILE B 91 -6.15 -4.88 -24.43
CA ILE B 91 -6.84 -6.04 -23.86
C ILE B 91 -8.22 -6.19 -24.54
N ALA B 92 -8.49 -7.30 -25.20
CA ALA B 92 -9.73 -7.37 -25.94
C ALA B 92 -10.90 -7.94 -25.13
N ARG B 93 -10.61 -8.87 -24.22
CA ARG B 93 -11.63 -9.46 -23.38
C ARG B 93 -10.98 -9.81 -22.05
N ALA B 94 -11.75 -9.83 -20.96
CA ALA B 94 -11.16 -10.21 -19.67
C ALA B 94 -12.21 -10.76 -18.73
N ASN B 95 -11.76 -11.64 -17.86
CA ASN B 95 -12.45 -11.92 -16.63
C ASN B 95 -12.43 -10.67 -15.76
N PHE B 96 -13.41 -10.58 -14.87
CA PHE B 96 -13.57 -9.38 -14.10
C PHE B 96 -14.00 -9.82 -12.73
N CYS B 97 -13.34 -9.23 -11.73
CA CYS B 97 -13.64 -9.50 -10.31
C CYS B 97 -13.60 -8.17 -9.61
N GLY B 98 -14.74 -7.79 -9.08
CA GLY B 98 -14.88 -6.46 -8.46
C GLY B 98 -15.53 -6.64 -7.12
N LEU B 99 -15.12 -5.80 -6.19
CA LEU B 99 -15.61 -5.86 -4.84
C LEU B 99 -16.35 -4.56 -4.52
N SER B 100 -17.58 -4.71 -4.00
CA SER B 100 -18.50 -3.60 -3.71
C SER B 100 -18.79 -2.68 -4.89
N MSE B 101 -18.43 -1.39 -4.86
CA MSE B 101 -18.54 -0.58 -6.15
C MSE B 101 -17.81 -1.22 -7.33
O MSE B 101 -18.19 -1.02 -8.48
CB MSE B 101 -18.06 0.83 -6.01
CG MSE B 101 -16.55 0.91 -6.00
SE MSE B 101 -15.97 2.69 -5.82
CE MSE B 101 -16.57 3.46 -7.55
N GLY B 102 -16.77 -2.04 -7.05
CA GLY B 102 -16.13 -2.82 -8.14
C GLY B 102 -17.06 -3.88 -8.69
N GLY B 103 -17.79 -4.55 -7.80
CA GLY B 103 -18.77 -5.57 -8.24
C GLY B 103 -19.87 -4.88 -9.03
N LEU B 104 -20.33 -3.72 -8.53
CA LEU B 104 -21.34 -2.86 -9.26
C LEU B 104 -20.89 -2.48 -10.70
N THR B 105 -19.65 -1.99 -10.83
CA THR B 105 -19.00 -1.77 -12.14
C THR B 105 -19.02 -3.04 -13.01
N GLY B 106 -18.79 -4.18 -12.36
CA GLY B 106 -18.77 -5.43 -13.04
C GLY B 106 -20.16 -5.81 -13.55
N VAL B 107 -21.20 -5.50 -12.76
CA VAL B 107 -22.57 -5.69 -13.27
C VAL B 107 -22.78 -4.82 -14.50
N ALA B 108 -22.42 -3.53 -14.47
CA ALA B 108 -22.55 -2.67 -15.65
C ALA B 108 -21.77 -3.21 -16.87
N LEU B 109 -20.55 -3.66 -16.61
CA LEU B 109 -19.67 -4.13 -17.65
C LEU B 109 -20.25 -5.39 -18.25
N ALA B 110 -20.65 -6.36 -17.42
CA ALA B 110 -21.20 -7.58 -17.94
C ALA B 110 -22.54 -7.41 -18.69
N ALA B 111 -23.33 -6.41 -18.30
CA ALA B 111 -24.64 -6.12 -18.89
C ALA B 111 -24.54 -5.36 -20.21
N ARG B 112 -23.70 -4.33 -20.20
CA ARG B 112 -23.62 -3.41 -21.29
C ARG B 112 -22.39 -3.73 -22.16
N HIS B 113 -21.49 -4.63 -21.71
CA HIS B 113 -20.29 -5.02 -22.54
C HIS B 113 -19.93 -6.49 -22.48
N ALA B 114 -20.92 -7.36 -22.67
CA ALA B 114 -20.70 -8.80 -22.62
C ALA B 114 -19.54 -9.28 -23.51
N ASP B 115 -19.32 -8.58 -24.63
CA ASP B 115 -18.27 -9.04 -25.59
C ASP B 115 -16.84 -8.71 -25.08
N ARG B 116 -16.74 -7.67 -24.26
CA ARG B 116 -15.51 -7.35 -23.50
C ARG B 116 -15.24 -8.26 -22.28
N ILE B 117 -16.22 -9.08 -21.86
CA ILE B 117 -16.16 -9.81 -20.57
C ILE B 117 -16.19 -11.32 -20.72
N GLU B 118 -15.32 -12.07 -20.06
CA GLU B 118 -15.42 -13.53 -20.14
C GLU B 118 -16.32 -14.06 -19.04
N ARG B 119 -15.90 -13.93 -17.78
CA ARG B 119 -16.61 -14.44 -16.60
C ARG B 119 -16.51 -13.32 -15.55
N VAL B 120 -17.54 -13.23 -14.70
CA VAL B 120 -17.56 -12.09 -13.80
C VAL B 120 -17.68 -12.63 -12.39
N ALA B 121 -16.87 -12.13 -11.41
CA ALA B 121 -17.02 -12.49 -10.01
C ALA B 121 -17.50 -11.19 -9.32
N LEU B 122 -18.68 -11.20 -8.70
CA LEU B 122 -19.25 -9.96 -8.22
C LEU B 122 -19.29 -10.06 -6.68
N CYS B 123 -18.38 -9.34 -6.04
CA CYS B 123 -18.04 -9.66 -4.65
C CYS B 123 -18.46 -8.55 -3.68
N ASN B 124 -19.05 -8.96 -2.56
CA ASN B 124 -19.56 -8.04 -1.55
C ASN B 124 -20.26 -6.88 -2.17
N THR B 125 -21.26 -7.15 -2.99
CA THR B 125 -21.82 -6.12 -3.83
C THR B 125 -23.36 -6.32 -3.98
N ALA B 126 -24.01 -5.51 -4.84
CA ALA B 126 -25.46 -5.62 -5.06
C ALA B 126 -25.66 -4.83 -6.33
N ALA B 127 -26.80 -5.03 -7.02
CA ALA B 127 -27.10 -4.25 -8.23
C ALA B 127 -27.54 -2.81 -7.91
N ARG B 128 -27.91 -2.59 -6.65
CA ARG B 128 -28.13 -1.27 -6.05
C ARG B 128 -27.56 -1.32 -4.60
N ILE B 129 -26.46 -0.58 -4.38
CA ILE B 129 -25.74 -0.59 -3.08
C ILE B 129 -26.24 0.60 -2.25
N GLY B 130 -26.67 0.25 -1.04
CA GLY B 130 -27.09 1.21 -0.02
C GLY B 130 -28.30 2.01 -0.44
N SER B 131 -28.30 3.29 -0.09
CA SER B 131 -29.54 4.13 -0.27
C SER B 131 -29.17 5.59 -0.09
N PRO B 132 -30.09 6.54 -0.46
CA PRO B 132 -29.69 7.94 -0.36
C PRO B 132 -29.40 8.34 1.09
N GLU B 133 -30.09 7.69 2.05
CA GLU B 133 -29.93 7.98 3.49
C GLU B 133 -28.50 7.62 3.97
N VAL B 134 -27.81 6.76 3.22
CA VAL B 134 -26.42 6.44 3.58
C VAL B 134 -25.48 7.38 2.81
N TRP B 135 -25.68 7.49 1.52
CA TRP B 135 -24.68 8.08 0.64
C TRP B 135 -24.68 9.58 0.65
N VAL B 136 -25.85 10.18 0.91
CA VAL B 136 -25.92 11.64 0.84
C VAL B 136 -25.15 12.27 2.03
N PRO B 137 -25.43 11.83 3.29
CA PRO B 137 -24.66 12.28 4.46
C PRO B 137 -23.19 11.88 4.41
N ARG B 138 -22.92 10.73 3.81
CA ARG B 138 -21.55 10.29 3.68
C ARG B 138 -20.69 11.27 2.91
N ALA B 139 -21.23 11.70 1.76
CA ALA B 139 -20.61 12.65 0.87
C ALA B 139 -20.44 13.97 1.54
N VAL B 140 -21.44 14.39 2.29
CA VAL B 140 -21.35 15.66 3.05
C VAL B 140 -20.22 15.59 4.07
N LYS B 141 -20.19 14.49 4.80
CA LYS B 141 -19.19 14.31 5.83
C LYS B 141 -17.79 14.29 5.20
N ALA B 142 -17.63 13.58 4.09
CA ALA B 142 -16.30 13.45 3.53
C ALA B 142 -15.84 14.83 3.11
N ARG B 143 -16.73 15.54 2.38
CA ARG B 143 -16.42 16.87 1.79
C ARG B 143 -16.17 17.98 2.81
N THR B 144 -16.82 17.91 3.97
CA THR B 144 -16.80 19.04 4.92
C THR B 144 -16.06 18.76 6.18
N GLU B 145 -15.70 17.50 6.38
CA GLU B 145 -15.02 17.09 7.63
C GLU B 145 -13.76 16.24 7.36
N GLY B 146 -13.64 15.71 6.13
CA GLY B 146 -12.43 14.97 5.75
C GLY B 146 -12.54 13.50 6.18
N MSE B 147 -11.48 12.74 5.91
CA MSE B 147 -11.60 11.33 5.82
C MSE B 147 -11.31 10.62 7.13
O MSE B 147 -11.67 9.46 7.31
CB MSE B 147 -10.71 10.80 4.70
CG MSE B 147 -11.04 11.38 3.36
SE MSE B 147 -12.71 10.71 2.83
CE MSE B 147 -12.26 8.87 2.58
N HIS B 148 -10.63 11.31 8.05
CA HIS B 148 -10.37 10.73 9.37
C HIS B 148 -11.63 10.45 10.13
N ALA B 149 -12.54 11.41 10.07
CA ALA B 149 -13.88 11.30 10.66
C ALA B 149 -14.69 10.08 10.13
N LEU B 150 -14.63 9.90 8.82
CA LEU B 150 -15.33 8.83 8.14
C LEU B 150 -14.76 7.47 8.46
N ALA B 151 -13.43 7.42 8.59
CA ALA B 151 -12.71 6.18 8.82
C ALA B 151 -13.27 5.47 10.05
N ASP B 152 -13.62 6.23 11.10
CA ASP B 152 -14.03 5.56 12.37
C ASP B 152 -15.42 4.93 12.20
N ALA B 153 -16.22 5.50 11.32
CA ALA B 153 -17.55 4.98 11.05
C ALA B 153 -17.52 3.88 10.03
N VAL B 154 -16.67 4.05 9.01
CA VAL B 154 -16.68 3.11 7.85
C VAL B 154 -15.93 1.83 8.09
N LEU B 155 -14.73 1.92 8.64
CA LEU B 155 -13.87 0.72 8.82
C LEU B 155 -14.45 -0.44 9.59
N PRO B 156 -15.19 -0.16 10.66
CA PRO B 156 -15.81 -1.26 11.35
C PRO B 156 -16.84 -1.96 10.50
N ARG B 157 -17.31 -1.33 9.43
CA ARG B 157 -18.25 -2.04 8.56
C ARG B 157 -17.55 -3.02 7.61
N TRP B 158 -16.22 -3.00 7.60
CA TRP B 158 -15.46 -3.76 6.60
C TRP B 158 -14.94 -5.07 7.15
N PHE B 159 -14.72 -5.14 8.47
CA PHE B 159 -14.20 -6.38 9.07
C PHE B 159 -14.99 -6.71 10.29
N THR B 160 -15.07 -7.99 10.66
CA THR B 160 -15.69 -8.32 11.97
C THR B 160 -14.78 -7.75 13.07
N ALA B 161 -15.37 -7.46 14.23
CA ALA B 161 -14.63 -7.01 15.42
C ALA B 161 -13.44 -7.91 15.71
N ASP B 162 -13.64 -9.21 15.57
CA ASP B 162 -12.60 -10.12 15.97
C ASP B 162 -11.40 -10.01 15.00
N TYR B 163 -11.68 -9.93 13.70
CA TYR B 163 -10.57 -9.81 12.74
C TYR B 163 -9.83 -8.54 13.04
N MSE B 164 -10.57 -7.47 13.33
CA MSE B 164 -9.90 -6.21 13.55
C MSE B 164 -8.99 -6.27 14.76
O MSE B 164 -7.84 -5.83 14.73
CB MSE B 164 -10.92 -5.10 13.70
CG MSE B 164 -11.55 -4.76 12.41
SE MSE B 164 -12.54 -3.10 12.56
CE MSE B 164 -13.71 -3.60 14.04
N GLU B 165 -9.50 -6.89 15.81
CA GLU B 165 -8.71 -7.09 17.05
C GLU B 165 -7.44 -7.92 16.75
N ARG B 166 -7.58 -9.01 16.00
CA ARG B 166 -6.49 -9.94 15.70
C ARG B 166 -5.47 -9.37 14.69
N GLU B 167 -5.90 -8.39 13.87
CA GLU B 167 -5.11 -7.98 12.69
C GLU B 167 -4.83 -6.44 12.65
N PRO B 168 -4.15 -5.91 13.69
CA PRO B 168 -3.99 -4.48 13.76
C PRO B 168 -3.08 -3.93 12.64
N VAL B 169 -2.14 -4.73 12.10
CA VAL B 169 -1.25 -4.23 11.03
C VAL B 169 -2.06 -4.10 9.70
N VAL B 170 -2.81 -5.15 9.35
CA VAL B 170 -3.71 -5.11 8.17
C VAL B 170 -4.63 -3.90 8.35
N LEU B 171 -5.26 -3.75 9.52
CA LEU B 171 -6.14 -2.56 9.69
C LEU B 171 -5.46 -1.23 9.47
N ALA B 172 -4.29 -1.04 10.08
CA ALA B 172 -3.55 0.20 9.94
C ALA B 172 -3.21 0.51 8.47
N MSE B 173 -2.88 -0.51 7.69
CA MSE B 173 -2.51 -0.24 6.30
C MSE B 173 -3.72 0.13 5.45
O MSE B 173 -3.67 1.01 4.58
CB MSE B 173 -1.83 -1.49 5.73
CG MSE B 173 -0.38 -1.65 6.36
SE MSE B 173 0.35 -3.26 5.57
CE MSE B 173 1.26 -2.60 3.93
N ILE B 174 -4.80 -0.61 5.68
CA ILE B 174 -6.08 -0.34 5.02
C ILE B 174 -6.58 1.08 5.40
N ARG B 175 -6.49 1.41 6.70
CA ARG B 175 -6.91 2.71 7.19
C ARG B 175 -6.05 3.78 6.55
N ASP B 176 -4.74 3.50 6.36
CA ASP B 176 -3.87 4.56 5.81
C ASP B 176 -4.32 4.92 4.42
N VAL B 177 -4.72 3.92 3.64
CA VAL B 177 -5.17 4.19 2.26
C VAL B 177 -6.50 4.93 2.31
N PHE B 178 -7.39 4.46 3.18
CA PHE B 178 -8.72 5.11 3.29
C PHE B 178 -8.54 6.60 3.65
N VAL B 179 -7.78 6.90 4.71
CA VAL B 179 -7.74 8.27 5.19
C VAL B 179 -6.99 9.21 4.26
N HIS B 180 -6.19 8.69 3.32
CA HIS B 180 -5.50 9.52 2.38
C HIS B 180 -6.18 9.57 1.03
N THR B 181 -7.38 8.98 0.96
CA THR B 181 -8.19 9.09 -0.28
C THR B 181 -8.63 10.53 -0.46
N ASP B 182 -8.52 11.05 -1.69
CA ASP B 182 -8.97 12.41 -1.94
C ASP B 182 -10.48 12.53 -1.49
N LYS B 183 -10.80 13.49 -0.63
CA LYS B 183 -12.17 13.55 -0.08
C LYS B 183 -13.24 13.86 -1.12
N GLU B 184 -12.90 14.72 -2.08
CA GLU B 184 -13.79 15.05 -3.21
C GLU B 184 -13.95 13.85 -4.11
N GLY B 185 -12.82 13.15 -4.37
CA GLY B 185 -12.85 11.90 -5.16
C GLY B 185 -13.77 10.88 -4.52
N TYR B 186 -13.64 10.70 -3.22
CA TYR B 186 -14.46 9.73 -2.47
C TYR B 186 -15.94 10.14 -2.50
N ALA B 187 -16.25 11.37 -2.11
CA ALA B 187 -17.64 11.86 -2.22
C ALA B 187 -18.20 11.70 -3.66
N SER B 188 -17.42 11.98 -4.70
CA SER B 188 -18.00 11.85 -6.05
C SER B 188 -18.38 10.42 -6.39
N ASN B 189 -17.64 9.47 -5.83
CA ASN B 189 -17.93 8.03 -6.00
C ASN B 189 -19.14 7.68 -5.17
N CYS B 190 -19.29 8.29 -4.01
CA CYS B 190 -20.54 8.10 -3.26
C CYS B 190 -21.74 8.39 -4.14
N GLU B 191 -21.66 9.54 -4.81
CA GLU B 191 -22.69 10.00 -5.74
C GLU B 191 -22.91 9.00 -6.87
N ALA B 192 -21.80 8.54 -7.48
CA ALA B 192 -21.95 7.50 -8.49
C ALA B 192 -22.70 6.25 -8.08
N ILE B 193 -22.31 5.68 -6.92
CA ILE B 193 -22.90 4.45 -6.46
C ILE B 193 -24.41 4.71 -6.13
N ASP B 194 -24.69 5.83 -5.47
CA ASP B 194 -26.09 6.12 -5.01
C ASP B 194 -27.01 6.22 -6.23
N ALA B 195 -26.48 6.78 -7.34
CA ALA B 195 -27.29 6.97 -8.56
C ALA B 195 -27.47 5.73 -9.41
N ALA B 196 -26.59 4.74 -9.24
CA ALA B 196 -26.61 3.55 -10.05
C ALA B 196 -27.55 2.53 -9.48
N ASP B 197 -28.58 2.23 -10.24
CA ASP B 197 -29.44 1.15 -9.84
C ASP B 197 -29.45 0.25 -11.04
N LEU B 198 -28.65 -0.82 -10.93
CA LEU B 198 -28.49 -1.76 -12.03
C LEU B 198 -29.41 -2.95 -11.93
N ARG B 199 -30.37 -2.88 -11.01
CA ARG B 199 -31.30 -3.96 -10.85
C ARG B 199 -32.09 -4.28 -12.15
N PRO B 200 -32.57 -3.29 -12.92
CA PRO B 200 -33.32 -3.74 -14.13
C PRO B 200 -32.40 -4.41 -15.19
N GLU B 201 -31.11 -4.01 -15.20
CA GLU B 201 -30.14 -4.53 -16.16
C GLU B 201 -29.54 -5.91 -15.86
N ALA B 202 -29.62 -6.35 -14.61
CA ALA B 202 -28.92 -7.58 -14.22
C ALA B 202 -29.51 -8.79 -14.90
N PRO B 203 -30.86 -8.90 -14.93
CA PRO B 203 -31.38 -10.07 -15.63
C PRO B 203 -30.91 -10.21 -17.06
N GLY B 204 -30.36 -9.15 -17.64
CA GLY B 204 -29.84 -9.13 -19.02
C GLY B 204 -28.43 -9.66 -19.28
N ILE B 205 -27.72 -10.04 -18.20
CA ILE B 205 -26.32 -10.50 -18.26
C ILE B 205 -26.16 -11.87 -18.88
N LYS B 206 -25.28 -11.96 -19.89
CA LYS B 206 -25.15 -13.19 -20.67
C LYS B 206 -23.93 -14.05 -20.40
N VAL B 207 -23.11 -13.73 -19.38
CA VAL B 207 -21.81 -14.45 -19.16
C VAL B 207 -21.85 -15.21 -17.84
N PRO B 208 -21.04 -16.28 -17.68
CA PRO B 208 -21.02 -16.96 -16.42
C PRO B 208 -20.69 -16.00 -15.26
N ALA B 209 -21.47 -16.03 -14.19
CA ALA B 209 -21.26 -15.15 -13.05
C ALA B 209 -21.12 -15.94 -11.76
N LEU B 210 -20.28 -15.40 -10.87
CA LEU B 210 -20.15 -15.88 -9.49
C LEU B 210 -20.51 -14.70 -8.58
N VAL B 211 -21.34 -14.93 -7.58
CA VAL B 211 -21.62 -13.85 -6.63
C VAL B 211 -21.05 -14.30 -5.29
N ILE B 212 -20.16 -13.51 -4.69
CA ILE B 212 -19.60 -13.80 -3.38
C ILE B 212 -20.19 -12.74 -2.44
N SER B 213 -20.69 -13.16 -1.28
CA SER B 213 -21.24 -12.25 -0.29
C SER B 213 -20.66 -12.66 1.11
N GLY B 214 -20.62 -11.73 2.06
CA GLY B 214 -20.09 -12.00 3.40
C GLY B 214 -21.28 -12.11 4.36
N THR B 215 -21.32 -13.13 5.17
CA THR B 215 -22.54 -13.26 5.99
C THR B 215 -22.72 -12.10 6.95
N HIS B 216 -21.60 -11.45 7.34
CA HIS B 216 -21.64 -10.31 8.25
C HIS B 216 -21.60 -8.96 7.58
N ASP B 217 -21.64 -8.91 6.25
CA ASP B 217 -21.60 -7.66 5.51
C ASP B 217 -22.98 -6.93 5.64
N LEU B 218 -22.97 -5.69 6.11
CA LEU B 218 -24.16 -4.89 6.26
C LEU B 218 -24.19 -3.86 5.15
N ALA B 219 -23.03 -3.60 4.58
CA ALA B 219 -22.93 -2.62 3.53
C ALA B 219 -23.50 -3.19 2.21
N ALA B 220 -23.27 -4.46 1.98
CA ALA B 220 -23.89 -5.18 0.86
C ALA B 220 -24.23 -6.51 1.44
N THR B 221 -25.53 -6.85 1.49
CA THR B 221 -25.96 -7.98 2.28
C THR B 221 -25.99 -9.28 1.49
N PRO B 222 -25.93 -10.43 2.21
CA PRO B 222 -26.18 -11.77 1.61
C PRO B 222 -27.49 -11.77 0.78
N ALA B 223 -28.58 -11.24 1.35
CA ALA B 223 -29.86 -11.17 0.67
C ALA B 223 -29.72 -10.45 -0.69
N GLN B 224 -28.96 -9.40 -0.73
CA GLN B 224 -28.79 -8.74 -2.00
C GLN B 224 -27.93 -9.53 -3.00
N GLY B 225 -27.04 -10.33 -2.43
CA GLY B 225 -26.11 -11.21 -3.12
C GLY B 225 -26.91 -12.31 -3.83
N ARG B 226 -27.77 -12.99 -3.08
CA ARG B 226 -28.80 -13.88 -3.65
C ARG B 226 -29.71 -13.29 -4.74
N GLU B 227 -30.28 -12.10 -4.55
CA GLU B 227 -31.11 -11.51 -5.59
C GLU B 227 -30.28 -11.32 -6.86
N LEU B 228 -29.04 -10.85 -6.65
CA LEU B 228 -28.17 -10.64 -7.77
C LEU B 228 -27.93 -11.96 -8.51
N ALA B 229 -27.64 -13.02 -7.76
CA ALA B 229 -27.30 -14.29 -8.35
C ALA B 229 -28.57 -14.83 -9.03
N GLN B 230 -29.73 -14.48 -8.51
CA GLN B 230 -30.96 -15.08 -9.04
C GLN B 230 -31.41 -14.33 -10.28
N ALA B 231 -31.06 -13.04 -10.38
CA ALA B 231 -31.35 -12.30 -11.62
C ALA B 231 -30.55 -12.83 -12.81
N ILE B 232 -29.40 -13.44 -12.53
CA ILE B 232 -28.43 -13.72 -13.62
C ILE B 232 -28.51 -15.18 -14.03
N ALA B 233 -28.85 -15.42 -15.34
CA ALA B 233 -28.99 -16.83 -15.79
C ALA B 233 -27.73 -17.63 -15.49
N GLY B 234 -27.88 -18.76 -14.79
CA GLY B 234 -26.72 -19.60 -14.50
C GLY B 234 -25.69 -19.07 -13.50
N ALA B 235 -25.93 -17.90 -12.89
CA ALA B 235 -25.00 -17.33 -11.87
C ALA B 235 -24.90 -18.28 -10.69
N ARG B 236 -23.82 -18.23 -9.96
CA ARG B 236 -23.74 -19.06 -8.79
C ARG B 236 -23.45 -18.20 -7.56
N TYR B 237 -23.89 -18.62 -6.38
CA TYR B 237 -23.80 -17.79 -5.15
C TYR B 237 -22.89 -18.50 -4.11
N VAL B 238 -21.96 -17.79 -3.51
CA VAL B 238 -21.09 -18.36 -2.45
C VAL B 238 -20.98 -17.33 -1.33
N GLU B 239 -21.13 -17.80 -0.10
CA GLU B 239 -21.19 -16.92 1.02
C GLU B 239 -20.02 -17.28 1.93
N LEU B 240 -19.22 -16.28 2.30
CA LEU B 240 -18.07 -16.49 3.11
C LEU B 240 -18.30 -15.92 4.50
N ASP B 241 -17.69 -16.56 5.50
CA ASP B 241 -17.74 -16.09 6.88
C ASP B 241 -16.91 -14.83 7.12
N ALA B 242 -17.40 -13.71 6.57
CA ALA B 242 -16.67 -12.48 6.60
C ALA B 242 -17.66 -11.33 6.55
N SER B 243 -17.16 -10.14 6.76
CA SER B 243 -17.94 -8.92 6.57
C SER B 243 -17.65 -8.43 5.14
N HIS B 244 -17.44 -7.14 4.97
CA HIS B 244 -17.57 -6.51 3.68
C HIS B 244 -16.29 -6.69 2.80
N ILE B 245 -15.09 -6.67 3.41
CA ILE B 245 -13.86 -6.79 2.61
C ILE B 245 -13.40 -8.23 2.77
N SER B 246 -14.21 -9.15 2.20
CA SER B 246 -14.04 -10.59 2.39
C SER B 246 -12.80 -11.19 1.75
N ASN B 247 -12.29 -10.51 0.73
CA ASN B 247 -11.04 -11.03 0.09
C ASN B 247 -9.81 -10.85 1.01
N ILE B 248 -9.93 -9.98 2.00
CA ILE B 248 -8.95 -9.87 3.07
C ILE B 248 -9.23 -10.74 4.29
N GLU B 249 -10.40 -10.55 4.89
CA GLU B 249 -10.74 -11.34 6.05
C GLU B 249 -10.75 -12.87 5.81
N ARG B 250 -11.25 -13.34 4.66
CA ARG B 250 -11.21 -14.74 4.35
C ARG B 250 -10.47 -14.87 3.05
N ALA B 251 -9.25 -14.36 3.02
CA ALA B 251 -8.42 -14.37 1.78
C ALA B 251 -8.30 -15.72 1.13
N ASP B 252 -7.91 -16.73 1.91
CA ASP B 252 -7.67 -18.02 1.32
C ASP B 252 -8.89 -18.63 0.62
N ALA B 253 -10.06 -18.55 1.26
CA ALA B 253 -11.27 -19.11 0.71
C ALA B 253 -11.74 -18.29 -0.44
N PHE B 254 -11.59 -16.96 -0.33
CA PHE B 254 -11.99 -16.05 -1.40
C PHE B 254 -11.19 -16.35 -2.69
N THR B 255 -9.86 -16.40 -2.53
CA THR B 255 -8.96 -16.72 -3.62
C THR B 255 -9.31 -18.04 -4.32
N LYS B 256 -9.45 -19.10 -3.53
CA LYS B 256 -9.84 -20.40 -4.03
C LYS B 256 -11.15 -20.33 -4.81
N THR B 257 -12.16 -19.69 -4.20
CA THR B 257 -13.45 -19.61 -4.85
C THR B 257 -13.36 -18.95 -6.23
N VAL B 258 -12.72 -17.79 -6.27
CA VAL B 258 -12.59 -17.02 -7.48
C VAL B 258 -11.73 -17.81 -8.49
N VAL B 259 -10.65 -18.45 -8.04
CA VAL B 259 -9.78 -19.18 -8.98
C VAL B 259 -10.54 -20.39 -9.60
N ASP B 260 -11.23 -21.18 -8.77
CA ASP B 260 -11.87 -22.40 -9.28
C ASP B 260 -12.99 -22.01 -10.25
N PHE B 261 -13.74 -20.96 -9.91
CA PHE B 261 -14.81 -20.46 -10.78
C PHE B 261 -14.27 -19.95 -12.11
N LEU B 262 -13.17 -19.21 -12.09
CA LEU B 262 -12.73 -18.58 -13.34
C LEU B 262 -11.96 -19.54 -14.25
N THR B 263 -11.50 -20.64 -13.68
CA THR B 263 -10.75 -21.63 -14.47
C THR B 263 -11.57 -22.91 -14.74
N GLU B 264 -12.80 -23.03 -14.23
CA GLU B 264 -13.69 -24.21 -14.45
C GLU B 264 -13.65 -24.66 -15.91
C4 SHF C . -16.83 2.58 1.64
C5 SHF C . -16.20 1.41 0.88
C3 SHF C . -18.31 2.51 2.05
C2 SHF C . -18.98 1.12 2.22
C1 SHF C . -20.22 1.17 3.20
O4 SHF C . -16.14 3.57 1.95
O1 SHF C . -19.96 0.81 4.36
OH1 SHF C . -21.41 1.44 2.79
#